data_2PND
#
_entry.id   2PND
#
_cell.length_a   31.334
_cell.length_b   50.684
_cell.length_c   62.809
_cell.angle_alpha   90.00
_cell.angle_beta   90.00
_cell.angle_gamma   90.00
#
_symmetry.space_group_name_H-M   'P 21 21 21'
#
loop_
_entity.id
_entity.type
_entity.pdbx_description
1 polymer 'V-set and immunoglobulin domain containing 4'
2 water water
#
_entity_poly.entity_id   1
_entity_poly.type   'polypeptide(L)'
_entity_poly.pdbx_seq_one_letter_code
;GHPTLKTPESVTGTWKGDVKIQCIYDPLRGYRQVLVKWLVRHGSDSVTIFLRDSTGDHIQQAKYRGRLKVSHKVPGDVSL
QINTLQMDDRNHYTCEVTWQTPDGNQVIRDKIIELRVRK
;
_entity_poly.pdbx_strand_id   A
#
# COMPACT_ATOMS: atom_id res chain seq x y z
N GLY A 1 2.82 -13.05 -18.68
CA GLY A 1 1.79 -12.50 -17.75
C GLY A 1 2.36 -12.12 -16.39
N HIS A 2 2.29 -10.84 -16.06
CA HIS A 2 2.71 -10.37 -14.76
C HIS A 2 1.53 -10.29 -13.80
N PRO A 3 1.76 -10.12 -12.49
CA PRO A 3 0.65 -10.16 -11.54
C PRO A 3 -0.32 -9.01 -11.71
N THR A 4 -1.54 -9.21 -11.22
CA THR A 4 -2.57 -8.19 -11.24
C THR A 4 -2.91 -7.77 -9.83
N LEU A 5 -2.75 -6.47 -9.55
CA LEU A 5 -3.14 -5.92 -8.25
C LEU A 5 -4.62 -5.58 -8.27
N LYS A 6 -5.36 -6.12 -7.31
CA LYS A 6 -6.80 -5.92 -7.19
C LYS A 6 -7.05 -4.97 -6.02
N THR A 7 -7.71 -3.86 -6.34
CA THR A 7 -7.91 -2.76 -5.41
C THR A 7 -9.28 -2.13 -5.64
N PRO A 8 -9.86 -1.53 -4.60
CA PRO A 8 -11.07 -0.73 -4.80
C PRO A 8 -10.74 0.56 -5.50
N GLU A 9 -11.74 1.18 -6.13
CA GLU A 9 -11.53 2.50 -6.71
C GLU A 9 -11.41 3.56 -5.59
N SER A 10 -12.27 3.43 -4.58
CA SER A 10 -12.28 4.32 -3.44
C SER A 10 -12.74 3.54 -2.23
N VAL A 11 -12.39 4.07 -1.06
CA VAL A 11 -12.78 3.52 0.23
C VAL A 11 -13.15 4.70 1.12
N THR A 12 -14.19 4.52 1.93
CA THR A 12 -14.56 5.50 2.94
C THR A 12 -14.32 4.94 4.32
N GLY A 13 -13.56 5.66 5.11
CA GLY A 13 -13.36 5.30 6.51
C GLY A 13 -14.04 6.30 7.43
N THR A 14 -14.23 5.89 8.67
CA THR A 14 -14.83 6.73 9.70
C THR A 14 -13.75 7.53 10.43
N TRP A 15 -13.99 8.83 10.56
CA TRP A 15 -13.11 9.71 11.32
C TRP A 15 -12.85 9.15 12.73
N LYS A 16 -11.55 9.02 13.05
CA LYS A 16 -11.04 8.49 14.32
C LYS A 16 -11.24 6.98 14.50
N GLY A 17 -11.82 6.32 13.49
CA GLY A 17 -11.88 4.89 13.40
C GLY A 17 -10.71 4.33 12.62
N ASP A 18 -10.85 3.08 12.18
CA ASP A 18 -9.80 2.38 11.48
C ASP A 18 -10.31 2.00 10.10
N VAL A 19 -9.41 1.93 9.12
CA VAL A 19 -9.83 1.52 7.79
C VAL A 19 -8.75 0.66 7.16
N LYS A 20 -9.16 -0.25 6.29
CA LYS A 20 -8.23 -1.04 5.48
C LYS A 20 -8.45 -0.70 4.00
N ILE A 21 -7.35 -0.42 3.32
CA ILE A 21 -7.33 -0.20 1.89
C ILE A 21 -6.76 -1.46 1.26
N GLN A 22 -7.63 -2.26 0.65
CA GLN A 22 -7.23 -3.54 0.09
C GLN A 22 -6.28 -3.39 -1.09
N CYS A 23 -5.25 -4.22 -1.13
CA CYS A 23 -4.45 -4.40 -2.34
C CYS A 23 -3.96 -5.84 -2.30
N ILE A 24 -4.50 -6.68 -3.19
CA ILE A 24 -4.21 -8.07 -3.18
C ILE A 24 -3.89 -8.55 -4.58
N TYR A 25 -2.95 -9.46 -4.69
CA TYR A 25 -2.69 -10.15 -5.93
C TYR A 25 -2.53 -11.64 -5.66
N ASP A 26 -2.74 -12.44 -6.70
CA ASP A 26 -2.45 -13.87 -6.63
C ASP A 26 -1.00 -14.07 -7.02
N PRO A 27 -0.13 -14.58 -6.13
CA PRO A 27 1.27 -14.75 -6.51
C PRO A 27 1.44 -15.69 -7.70
N LEU A 28 2.31 -15.27 -8.62
CA LEU A 28 2.61 -16.04 -9.81
C LEU A 28 3.87 -16.87 -9.57
N ARG A 29 3.86 -18.06 -10.15
CA ARG A 29 4.89 -19.01 -9.89
C ARG A 29 6.24 -18.50 -10.39
N GLY A 30 7.21 -18.52 -9.49
CA GLY A 30 8.54 -18.06 -9.83
C GLY A 30 8.78 -16.56 -9.78
N TYR A 31 7.77 -15.79 -9.37
CA TYR A 31 7.92 -14.34 -9.14
C TYR A 31 8.31 -14.13 -7.67
N ARG A 32 9.29 -13.27 -7.45
CA ARG A 32 9.72 -12.91 -6.10
C ARG A 32 9.39 -11.45 -5.85
N GLN A 33 8.58 -11.18 -4.83
CA GLN A 33 8.29 -9.82 -4.44
C GLN A 33 9.53 -9.24 -3.79
N VAL A 34 9.98 -8.09 -4.28
CA VAL A 34 11.21 -7.46 -3.76
C VAL A 34 10.99 -6.13 -3.07
N LEU A 35 9.84 -5.48 -3.27
CA LEU A 35 9.58 -4.18 -2.66
C LEU A 35 8.08 -3.97 -2.63
N VAL A 36 7.58 -3.34 -1.56
CA VAL A 36 6.23 -2.81 -1.49
C VAL A 36 6.30 -1.39 -0.97
N LYS A 37 5.61 -0.47 -1.62
CA LYS A 37 5.50 0.90 -1.14
C LYS A 37 4.05 1.31 -1.11
N TRP A 38 3.70 2.10 -0.10
CA TRP A 38 2.48 2.90 -0.12
C TRP A 38 2.87 4.37 -0.12
N LEU A 39 2.20 5.13 -0.99
CA LEU A 39 2.47 6.56 -1.17
C LEU A 39 1.17 7.34 -1.05
N VAL A 40 1.29 8.63 -0.74
CA VAL A 40 0.19 9.58 -0.87
C VAL A 40 0.65 10.81 -1.66
N ARG A 41 -0.30 11.63 -2.12
CA ARG A 41 0.04 12.94 -2.74
C ARG A 41 0.26 13.99 -1.66
N HIS A 42 1.25 14.86 -1.84
CA HIS A 42 1.45 15.96 -0.93
C HIS A 42 1.74 17.16 -1.82
N GLY A 43 0.66 17.78 -2.28
CA GLY A 43 0.71 18.94 -3.14
C GLY A 43 1.46 18.72 -4.44
N SER A 44 0.88 17.93 -5.33
CA SER A 44 1.47 17.54 -6.63
C SER A 44 2.54 16.44 -6.59
N ASP A 45 3.53 16.56 -5.70
CA ASP A 45 4.57 15.53 -5.58
C ASP A 45 4.10 14.45 -4.62
N SER A 46 4.51 13.22 -4.89
CA SER A 46 4.19 12.08 -4.05
C SER A 46 5.15 11.98 -2.87
N VAL A 47 4.71 11.23 -1.86
CA VAL A 47 5.58 10.93 -0.77
C VAL A 47 5.31 9.50 -0.32
N THR A 48 6.39 8.78 -0.05
CA THR A 48 6.28 7.44 0.48
C THR A 48 5.90 7.49 1.95
N ILE A 49 4.88 6.74 2.35
CA ILE A 49 4.49 6.65 3.75
C ILE A 49 4.85 5.30 4.40
N PHE A 50 5.10 4.29 3.57
CA PHE A 50 5.43 2.96 4.05
C PHE A 50 6.28 2.27 3.00
N LEU A 51 7.30 1.53 3.44
CA LEU A 51 8.13 0.71 2.55
C LEU A 51 8.38 -0.63 3.24
N ARG A 52 8.21 -1.73 2.51
CA ARG A 52 8.65 -3.05 2.94
C ARG A 52 9.73 -3.52 1.97
N ASP A 53 10.87 -3.92 2.53
CA ASP A 53 11.97 -4.45 1.73
C ASP A 53 12.65 -5.55 2.51
N SER A 54 13.88 -5.91 2.11
CA SER A 54 14.54 -7.05 2.73
C SER A 54 14.88 -6.81 4.20
N THR A 55 14.86 -5.56 4.67
CA THR A 55 15.12 -5.27 6.08
C THR A 55 13.84 -4.98 6.86
N GLY A 56 12.68 -5.29 6.27
CA GLY A 56 11.40 -5.22 6.99
C GLY A 56 10.60 -3.99 6.64
N ASP A 57 9.79 -3.56 7.61
CA ASP A 57 8.80 -2.51 7.38
C ASP A 57 9.30 -1.19 7.91
N HIS A 58 9.16 -0.16 7.10
CA HIS A 58 9.72 1.16 7.38
C HIS A 58 8.65 2.23 7.27
N ILE A 59 8.48 2.96 8.38
CA ILE A 59 7.54 4.08 8.45
C ILE A 59 8.38 5.27 8.97
N GLN A 60 8.90 6.04 8.05
CA GLN A 60 9.79 7.12 8.44
C GLN A 60 9.12 8.33 9.06
N GLN A 61 7.88 8.63 8.71
CA GLN A 61 7.26 9.83 9.23
C GLN A 61 6.64 9.58 10.59
N ALA A 62 7.01 10.41 11.57
CA ALA A 62 6.50 10.31 12.91
C ALA A 62 4.99 10.22 12.96
N LYS A 63 4.29 11.00 12.12
CA LYS A 63 2.85 11.08 12.22
C LYS A 63 2.16 9.78 11.86
N TYR A 64 2.90 8.86 11.20
CA TYR A 64 2.37 7.56 10.84
C TYR A 64 2.86 6.43 11.73
N ARG A 65 3.95 6.61 12.50
CA ARG A 65 4.52 5.51 13.25
C ARG A 65 3.58 5.16 14.37
N GLY A 66 3.14 3.91 14.38
CA GLY A 66 2.16 3.44 15.30
C GLY A 66 0.75 3.45 14.75
N ARG A 67 0.55 3.98 13.53
CA ARG A 67 -0.80 4.10 12.92
C ARG A 67 -0.98 3.30 11.68
N LEU A 68 0.09 2.78 11.08
CA LEU A 68 0.00 2.10 9.79
C LEU A 68 0.47 0.68 9.93
N LYS A 69 -0.29 -0.23 9.33
CA LYS A 69 0.05 -1.66 9.32
C LYS A 69 -0.23 -2.21 7.92
N VAL A 70 0.74 -2.89 7.32
CA VAL A 70 0.53 -3.52 6.01
C VAL A 70 0.48 -5.02 6.24
N SER A 71 -0.52 -5.67 5.67
CA SER A 71 -0.67 -7.10 5.85
C SER A 71 0.62 -7.83 5.45
N HIS A 72 0.91 -8.92 6.17
CA HIS A 72 2.13 -9.68 5.89
C HIS A 72 2.00 -11.21 5.90
N LYS A 73 0.90 -11.77 6.38
CA LYS A 73 0.85 -13.22 6.57
C LYS A 73 0.46 -13.98 5.33
N VAL A 74 -0.44 -13.44 4.53
CA VAL A 74 -0.94 -14.13 3.34
C VAL A 74 -0.17 -13.63 2.13
N PRO A 75 0.54 -14.50 1.42
CA PRO A 75 1.29 -14.01 0.24
C PRO A 75 0.35 -13.31 -0.75
N GLY A 76 0.79 -12.17 -1.25
CA GLY A 76 0.00 -11.38 -2.18
C GLY A 76 -0.93 -10.35 -1.55
N ASP A 77 -1.11 -10.38 -0.24
CA ASP A 77 -2.00 -9.40 0.40
C ASP A 77 -1.11 -8.32 1.02
N VAL A 78 -1.09 -7.14 0.41
CA VAL A 78 -0.27 -6.01 0.89
C VAL A 78 -1.18 -4.83 1.27
N SER A 79 -2.36 -5.15 1.79
CA SER A 79 -3.34 -4.15 2.16
C SER A 79 -2.80 -3.23 3.27
N LEU A 80 -3.21 -1.97 3.23
CA LEU A 80 -2.83 -0.95 4.20
C LEU A 80 -3.94 -0.72 5.21
N GLN A 81 -3.63 -0.83 6.50
CA GLN A 81 -4.56 -0.51 7.56
C GLN A 81 -4.09 0.77 8.24
N ILE A 82 -5.02 1.71 8.43
CA ILE A 82 -4.76 2.97 9.08
C ILE A 82 -5.62 3.03 10.36
N ASN A 83 -4.93 3.29 11.47
CA ASN A 83 -5.55 3.43 12.78
C ASN A 83 -5.79 4.89 13.09
N THR A 84 -6.99 5.18 13.60
CA THR A 84 -7.41 6.51 14.05
C THR A 84 -7.31 7.53 12.90
N LEU A 85 -8.23 7.39 11.99
CA LEU A 85 -8.25 8.20 10.79
C LEU A 85 -8.39 9.68 11.11
N GLN A 86 -7.53 10.49 10.50
CA GLN A 86 -7.58 11.93 10.60
C GLN A 86 -8.25 12.53 9.40
N MET A 87 -8.82 13.72 9.55
CA MET A 87 -9.36 14.39 8.37
C MET A 87 -8.28 14.56 7.31
N ASP A 88 -7.06 14.83 7.74
CA ASP A 88 -5.97 15.03 6.80
C ASP A 88 -5.49 13.76 6.13
N ASP A 89 -6.01 12.61 6.53
CA ASP A 89 -5.73 11.37 5.81
C ASP A 89 -6.51 11.23 4.50
N ARG A 90 -7.51 12.08 4.26
CA ARG A 90 -8.18 12.07 2.96
C ARG A 90 -7.11 12.32 1.89
N ASN A 91 -7.04 11.44 0.89
CA ASN A 91 -5.97 11.54 -0.11
C ASN A 91 -6.18 10.44 -1.13
N HIS A 92 -5.34 10.46 -2.16
CA HIS A 92 -5.20 9.35 -3.07
C HIS A 92 -3.96 8.57 -2.66
N TYR A 93 -4.13 7.28 -2.43
CA TYR A 93 -3.08 6.39 -1.96
C TYR A 93 -2.65 5.49 -3.11
N THR A 94 -1.34 5.34 -3.29
CA THR A 94 -0.80 4.47 -4.30
C THR A 94 -0.13 3.29 -3.60
N CYS A 95 -0.43 2.07 -4.08
CA CYS A 95 0.33 0.89 -3.68
C CYS A 95 1.17 0.47 -4.88
N GLU A 96 2.48 0.31 -4.67
CA GLU A 96 3.42 -0.07 -5.71
C GLU A 96 4.15 -1.34 -5.27
N VAL A 97 4.10 -2.37 -6.09
CA VAL A 97 4.78 -3.64 -5.81
C VAL A 97 5.77 -3.91 -6.93
N THR A 98 6.95 -4.38 -6.53
CA THR A 98 8.00 -4.75 -7.47
C THR A 98 8.30 -6.23 -7.32
N TRP A 99 8.42 -6.94 -8.46
CA TRP A 99 8.84 -8.34 -8.47
C TRP A 99 10.05 -8.54 -9.36
N GLN A 100 10.85 -9.52 -8.99
CA GLN A 100 11.85 -10.11 -9.89
C GLN A 100 11.19 -11.34 -10.52
N THR A 101 11.31 -11.43 -11.83
CA THR A 101 10.57 -12.41 -12.60
C THR A 101 11.42 -13.63 -12.94
N PRO A 102 10.79 -14.69 -13.43
CA PRO A 102 11.54 -15.86 -13.87
C PRO A 102 12.62 -15.58 -14.89
N ASP A 103 12.44 -14.58 -15.74
CA ASP A 103 13.45 -14.23 -16.72
C ASP A 103 14.52 -13.26 -16.17
N GLY A 104 14.44 -12.93 -14.88
CA GLY A 104 15.44 -12.11 -14.19
C GLY A 104 15.22 -10.61 -14.30
N ASN A 105 14.06 -10.19 -14.82
CA ASN A 105 13.76 -8.76 -14.85
C ASN A 105 13.13 -8.32 -13.55
N GLN A 106 13.03 -7.01 -13.31
CA GLN A 106 12.21 -6.48 -12.20
C GLN A 106 11.08 -5.66 -12.84
N VAL A 107 9.83 -5.98 -12.45
CA VAL A 107 8.67 -5.32 -12.97
C VAL A 107 7.84 -4.77 -11.86
N ILE A 108 7.19 -3.67 -12.15
CA ILE A 108 6.50 -2.86 -11.17
C ILE A 108 5.06 -2.71 -11.57
N ARG A 109 4.15 -2.93 -10.64
CA ARG A 109 2.72 -2.60 -10.83
C ARG A 109 2.29 -1.70 -9.68
N ASP A 110 1.37 -0.80 -10.00
CA ASP A 110 0.82 0.10 -9.01
C ASP A 110 -0.65 0.35 -9.29
N LYS A 111 -1.33 0.79 -8.23
CA LYS A 111 -2.75 1.18 -8.29
C LYS A 111 -2.97 2.35 -7.37
N ILE A 112 -4.00 3.14 -7.67
CA ILE A 112 -4.38 4.33 -6.93
C ILE A 112 -5.76 4.13 -6.34
N ILE A 113 -5.91 4.43 -5.05
CA ILE A 113 -7.18 4.30 -4.34
C ILE A 113 -7.49 5.63 -3.68
N GLU A 114 -8.68 6.19 -3.91
CA GLU A 114 -9.09 7.35 -3.15
C GLU A 114 -9.59 6.94 -1.76
N LEU A 115 -9.09 7.61 -0.72
CA LEU A 115 -9.62 7.43 0.64
C LEU A 115 -10.39 8.69 1.02
N ARG A 116 -11.64 8.49 1.39
CA ARG A 116 -12.51 9.53 1.95
C ARG A 116 -12.67 9.25 3.45
N VAL A 117 -12.87 10.32 4.22
CA VAL A 117 -13.04 10.21 5.67
C VAL A 117 -14.36 10.86 6.04
N ARG A 118 -15.27 10.06 6.60
CA ARG A 118 -16.61 10.50 6.91
C ARG A 118 -16.77 10.66 8.42
N LYS A 119 -17.49 11.66 8.85
CA LYS A 119 -17.80 11.77 10.26
C LYS A 119 -19.05 10.99 10.61
#